data_5MIM
#
_entry.id   5MIM
#
_cell.length_a   132.204
_cell.length_b   132.204
_cell.length_c   155.727
_cell.angle_alpha   90.00
_cell.angle_beta   90.00
_cell.angle_gamma   120.00
#
_symmetry.space_group_name_H-M   'P 65 2 2'
#
loop_
_entity.id
_entity.type
_entity.pdbx_description
1 polymer Furin
2 non-polymer 'CALCIUM ION'
3 non-polymer 'SODIUM ION'
4 non-polymer 'CHLORIDE ION'
5 non-polymer 1-[(1~{R},2~{R},4~{S},5~{S})-2,4-bis(4-carbamimidamidophenoxy)-5-[(4-carbamimidamidophenyl)amino]cyclohexyl]guanidine
6 water water
#
_entity_poly.entity_id   1
_entity_poly.type   'polypeptide(L)'
_entity_poly.pdbx_seq_one_letter_code
;DVYQEPTDPKFPQQWYLSGVTQRDLNVKAAWAQGYTGHGIVVSILDDGIEKNHPDLAGNYDPGASFDVNDQDPDPQPRYT
QMNDNRHGTRCAGEVAAVANNGVCGVGVAYNARIGGVRMLDGEVTDAVEARSLGLNPNHIHIYSASWGPEDDGKTVDGPA
RLAEEAFFRGVSQGRGGLGSIFVWASGNGGREHDSCNCDGYTNSIYTLSISSATQFGNVPWYSEACSSTLATTYSSGNQN
EKQIVTTDLRQKCTESHTGTSASAPLAAGIIALTLEANKNLTWRDMQHLVVQTSKPAHLNANDWATNGVGRKVSHSYGYG
LLDAGAMVALAQNWTTVAPQRKCIIDILTEPKDIGKRLEVRKTVTACLGEPNHITRLEHAQARLTLSYNRRGDLAIHLVS
PMGTRSTLLAARPHDYSADGFNDWAFMTTHSWDEDPSGEWVLEIENTSEANNYGTLTKFTLVLYGTASGSLVPRGSHHHH
HH
;
_entity_poly.pdbx_strand_id   A
#
loop_
_chem_comp.id
_chem_comp.type
_chem_comp.name
_chem_comp.formula
1N non-polymer 1-[(1~{R},2~{R},4~{S},5~{S})-2,4-bis(4-carbamimidamidophenoxy)-5-[(4-carbamimidamidophenyl)amino]cyclohexyl]guanidine 'C28 H37 N13 O2'
CA non-polymer 'CALCIUM ION' 'Ca 2'
CL non-polymer 'CHLORIDE ION' 'Cl -1'
NA non-polymer 'SODIUM ION' 'Na 1'
#
# COMPACT_ATOMS: atom_id res chain seq x y z
N VAL A 2 -7.13 15.99 -29.46
CA VAL A 2 -8.57 15.79 -29.49
C VAL A 2 -9.11 15.61 -28.06
N TYR A 3 -8.27 15.11 -27.16
CA TYR A 3 -8.71 14.93 -25.77
C TYR A 3 -8.99 16.30 -25.13
N GLN A 4 -10.19 16.46 -24.59
CA GLN A 4 -10.52 17.65 -23.83
C GLN A 4 -10.50 17.34 -22.32
N GLU A 5 -9.62 18.02 -21.59
CA GLU A 5 -9.53 17.85 -20.15
C GLU A 5 -10.79 18.36 -19.47
N PRO A 6 -11.10 17.88 -18.25
CA PRO A 6 -12.36 18.22 -17.59
C PRO A 6 -12.56 19.71 -17.37
N THR A 7 -13.83 20.13 -17.37
CA THR A 7 -14.15 21.54 -17.22
C THR A 7 -14.70 21.86 -15.84
N ASP A 8 -14.77 20.85 -14.97
CA ASP A 8 -15.30 21.02 -13.61
C ASP A 8 -14.66 22.21 -12.90
N PRO A 9 -15.45 22.91 -12.07
CA PRO A 9 -15.00 24.18 -11.46
C PRO A 9 -13.75 24.06 -10.60
N LYS A 10 -13.57 22.95 -9.90
CA LYS A 10 -12.40 22.80 -9.04
C LYS A 10 -11.30 21.94 -9.65
N PHE A 11 -11.48 21.48 -10.88
CA PHE A 11 -10.41 20.71 -11.53
C PHE A 11 -9.07 21.46 -11.60
N PRO A 12 -9.09 22.79 -11.85
CA PRO A 12 -7.80 23.49 -11.80
C PRO A 12 -7.12 23.48 -10.43
N GLN A 13 -7.86 23.25 -9.35
CA GLN A 13 -7.27 23.18 -8.01
C GLN A 13 -6.73 21.78 -7.70
N GLN A 14 -6.98 20.83 -8.58
CA GLN A 14 -6.47 19.47 -8.37
C GLN A 14 -5.08 19.32 -8.97
N TRP A 15 -4.13 20.00 -8.31
CA TRP A 15 -2.75 20.14 -8.76
C TRP A 15 -2.04 18.80 -8.96
N TYR A 16 -2.49 17.78 -8.24
CA TYR A 16 -1.84 16.47 -8.24
C TYR A 16 -2.24 15.65 -9.46
N LEU A 17 -3.36 16.00 -10.08
CA LEU A 17 -3.80 15.30 -11.28
C LEU A 17 -3.07 15.82 -12.50
N SER A 18 -3.20 17.12 -12.73
CA SER A 18 -2.59 17.75 -13.89
C SER A 18 -1.89 19.04 -13.49
N GLY A 19 -0.67 19.20 -13.97
CA GLY A 19 0.08 20.42 -13.76
C GLY A 19 1.10 20.65 -14.85
N VAL A 20 1.50 21.90 -15.02
CA VAL A 20 2.62 22.23 -15.90
C VAL A 20 3.91 21.81 -15.20
N THR A 21 3.85 21.72 -13.88
CA THR A 21 5.01 21.69 -13.00
C THR A 21 5.90 20.45 -13.11
N GLN A 22 5.31 19.31 -13.53
CA GLN A 22 5.91 17.95 -13.46
C GLN A 22 5.69 17.36 -12.07
N ARG A 23 5.03 18.13 -11.21
CA ARG A 23 4.76 17.69 -9.85
C ARG A 23 3.32 17.21 -9.80
N ASP A 24 3.05 16.15 -10.55
CA ASP A 24 1.73 15.53 -10.56
C ASP A 24 1.84 14.04 -10.88
N LEU A 25 0.69 13.39 -10.91
CA LEU A 25 0.62 11.94 -11.04
C LEU A 25 0.49 11.50 -12.49
N ASN A 26 0.60 12.46 -13.42
CA ASN A 26 0.59 12.18 -14.86
C ASN A 26 -0.68 11.45 -15.27
N VAL A 27 -1.81 11.92 -14.74
CA VAL A 27 -3.06 11.26 -14.98
C VAL A 27 -3.68 11.71 -16.30
N LYS A 28 -3.47 12.97 -16.67
CA LYS A 28 -3.98 13.48 -17.94
C LYS A 28 -3.44 12.67 -19.12
N ALA A 29 -2.18 12.27 -19.04
CA ALA A 29 -1.59 11.43 -20.07
C ALA A 29 -2.33 10.10 -20.24
N ALA A 30 -2.83 9.53 -19.14
CA ALA A 30 -3.62 8.30 -19.24
C ALA A 30 -5.00 8.57 -19.83
N TRP A 31 -5.64 9.64 -19.40
CA TRP A 31 -6.93 10.04 -19.96
C TRP A 31 -6.84 10.22 -21.48
N ALA A 32 -5.76 10.86 -21.92
CA ALA A 32 -5.56 11.12 -23.34
C ALA A 32 -5.36 9.84 -24.16
N GLN A 33 -4.85 8.78 -23.53
CA GLN A 33 -4.74 7.49 -24.20
C GLN A 33 -6.09 6.79 -24.24
N GLY A 34 -7.11 7.41 -23.67
CA GLY A 34 -8.45 6.86 -23.68
C GLY A 34 -8.84 6.02 -22.45
N TYR A 35 -8.10 6.17 -21.36
CA TYR A 35 -8.42 5.41 -20.15
C TYR A 35 -8.93 6.32 -19.04
N THR A 36 -10.19 6.14 -18.67
CA THR A 36 -10.83 6.96 -17.67
C THR A 36 -11.50 6.11 -16.59
N GLY A 37 -11.35 4.79 -16.70
CA GLY A 37 -11.91 3.89 -15.72
C GLY A 37 -13.17 3.12 -16.11
N HIS A 38 -13.64 3.30 -17.34
N HIS A 38 -13.64 3.32 -17.34
CA HIS A 38 -14.86 2.63 -17.78
CA HIS A 38 -14.83 2.62 -17.84
C HIS A 38 -14.78 1.13 -17.58
C HIS A 38 -14.77 1.12 -17.58
N GLY A 39 -15.80 0.57 -16.94
CA GLY A 39 -15.89 -0.86 -16.73
C GLY A 39 -15.21 -1.37 -15.47
N ILE A 40 -14.50 -0.49 -14.76
CA ILE A 40 -13.79 -0.90 -13.55
C ILE A 40 -14.59 -0.53 -12.30
N VAL A 41 -14.57 -1.42 -11.31
CA VAL A 41 -15.33 -1.25 -10.09
C VAL A 41 -14.40 -1.13 -8.88
N VAL A 42 -14.54 -0.03 -8.14
CA VAL A 42 -13.72 0.23 -6.96
C VAL A 42 -14.62 0.36 -5.73
N SER A 43 -14.19 -0.23 -4.62
CA SER A 43 -14.95 -0.04 -3.37
C SER A 43 -14.08 0.56 -2.26
N ILE A 44 -14.63 1.57 -1.59
CA ILE A 44 -14.00 2.22 -0.47
C ILE A 44 -14.43 1.57 0.84
N LEU A 45 -13.50 0.95 1.56
CA LEU A 45 -13.82 0.30 2.83
C LEU A 45 -13.62 1.30 3.98
N ASP A 46 -14.70 1.88 4.49
CA ASP A 46 -14.56 3.03 5.37
C ASP A 46 -15.81 3.27 6.22
N ASP A 47 -16.17 4.53 6.42
CA ASP A 47 -17.26 4.89 7.33
C ASP A 47 -18.57 5.14 6.59
N GLY A 48 -18.63 4.75 5.32
CA GLY A 48 -19.84 4.95 4.52
C GLY A 48 -19.60 5.82 3.29
N ILE A 49 -20.58 5.86 2.39
CA ILE A 49 -20.45 6.68 1.20
C ILE A 49 -21.77 7.41 0.91
N GLU A 50 -21.69 8.71 0.67
CA GLU A 50 -22.88 9.49 0.37
C GLU A 50 -23.27 9.25 -1.08
N LYS A 51 -24.10 8.22 -1.30
CA LYS A 51 -24.34 7.70 -2.64
C LYS A 51 -25.15 8.66 -3.51
N ASN A 52 -25.80 9.61 -2.87
CA ASN A 52 -26.59 10.61 -3.59
C ASN A 52 -25.84 11.92 -3.81
N HIS A 53 -24.55 11.93 -3.49
CA HIS A 53 -23.73 13.13 -3.69
C HIS A 53 -23.76 13.52 -5.16
N PRO A 54 -23.96 14.82 -5.45
CA PRO A 54 -24.06 15.23 -6.86
C PRO A 54 -22.82 14.90 -7.70
N ASP A 55 -21.66 14.71 -7.08
CA ASP A 55 -20.50 14.31 -7.86
C ASP A 55 -20.19 12.81 -7.77
N LEU A 56 -20.99 12.04 -7.02
CA LEU A 56 -20.79 10.59 -6.96
C LEU A 56 -21.95 9.77 -7.53
N ALA A 57 -23.16 10.33 -7.54
CA ALA A 57 -24.36 9.59 -7.94
C ALA A 57 -24.25 8.96 -9.31
N GLY A 58 -23.66 9.70 -10.24
CA GLY A 58 -23.52 9.22 -11.61
C GLY A 58 -22.65 7.99 -11.76
N ASN A 59 -21.71 7.79 -10.84
CA ASN A 59 -20.81 6.63 -10.90
C ASN A 59 -21.10 5.60 -9.82
N TYR A 60 -22.07 5.88 -8.96
CA TYR A 60 -22.32 5.00 -7.81
C TYR A 60 -22.79 3.60 -8.21
N ASP A 61 -22.28 2.59 -7.51
CA ASP A 61 -22.59 1.20 -7.81
C ASP A 61 -23.03 0.48 -6.55
N PRO A 62 -24.33 0.15 -6.45
CA PRO A 62 -24.84 -0.59 -5.29
C PRO A 62 -24.18 -1.96 -5.17
N GLY A 63 -23.72 -2.51 -6.29
CA GLY A 63 -23.05 -3.80 -6.30
C GLY A 63 -21.67 -3.75 -5.65
N ALA A 64 -21.14 -2.55 -5.48
CA ALA A 64 -19.83 -2.39 -4.87
C ALA A 64 -19.95 -1.91 -3.43
N SER A 65 -21.15 -2.06 -2.87
CA SER A 65 -21.49 -1.41 -1.62
C SER A 65 -22.21 -2.33 -0.65
N PHE A 66 -22.00 -2.08 0.64
CA PHE A 66 -22.71 -2.78 1.69
C PHE A 66 -22.52 -2.04 3.01
N ASP A 67 -23.41 -2.29 3.95
CA ASP A 67 -23.31 -1.72 5.28
C ASP A 67 -23.14 -2.86 6.28
N VAL A 68 -21.90 -3.09 6.68
CA VAL A 68 -21.59 -4.19 7.58
C VAL A 68 -21.86 -3.81 9.02
N ASN A 69 -21.83 -2.51 9.33
CA ASN A 69 -22.10 -2.08 10.70
C ASN A 69 -23.56 -2.30 11.10
N ASP A 70 -24.48 -2.04 10.19
CA ASP A 70 -25.92 -2.21 10.44
C ASP A 70 -26.51 -3.41 9.72
N GLN A 71 -25.67 -4.11 8.95
CA GLN A 71 -26.09 -5.28 8.18
C GLN A 71 -27.27 -5.00 7.24
N ASP A 72 -27.02 -4.12 6.27
CA ASP A 72 -28.00 -3.83 5.24
C ASP A 72 -27.21 -3.43 3.98
N PRO A 73 -27.87 -3.30 2.83
CA PRO A 73 -27.08 -3.04 1.62
C PRO A 73 -26.68 -1.58 1.43
N ASP A 74 -27.25 -0.68 2.23
CA ASP A 74 -27.16 0.76 2.01
C ASP A 74 -26.09 1.40 2.90
N PRO A 75 -24.98 1.84 2.28
CA PRO A 75 -23.80 2.33 3.00
C PRO A 75 -23.88 3.81 3.33
N GLN A 76 -25.07 4.40 3.24
CA GLN A 76 -25.23 5.83 3.54
C GLN A 76 -24.60 6.14 4.89
N PRO A 77 -23.82 7.23 4.97
CA PRO A 77 -23.20 7.59 6.25
C PRO A 77 -24.22 7.97 7.31
N ARG A 78 -23.85 7.75 8.57
CA ARG A 78 -24.62 8.24 9.69
C ARG A 78 -24.30 9.73 9.90
N TYR A 79 -25.30 10.59 9.77
CA TYR A 79 -25.07 12.02 9.91
C TYR A 79 -25.05 12.43 11.37
N THR A 80 -24.01 13.19 11.73
CA THR A 80 -23.85 13.71 13.09
C THR A 80 -23.40 15.17 13.01
N GLN A 81 -23.53 15.90 14.12
CA GLN A 81 -23.14 17.30 14.17
C GLN A 81 -21.67 17.52 13.84
N MET A 82 -20.82 16.59 14.26
CA MET A 82 -19.38 16.72 14.03
C MET A 82 -18.96 16.24 12.65
N ASN A 83 -19.92 15.74 11.88
CA ASN A 83 -19.65 15.18 10.55
C ASN A 83 -18.54 14.13 10.60
N ASP A 84 -18.61 13.27 11.62
CA ASP A 84 -17.61 12.23 11.84
C ASP A 84 -17.44 11.28 10.66
N ASN A 85 -18.56 10.96 10.01
CA ASN A 85 -18.57 9.91 9.02
C ASN A 85 -18.44 10.42 7.60
N ARG A 86 -17.51 11.34 7.41
CA ARG A 86 -17.29 12.02 6.13
C ARG A 86 -16.19 11.39 5.30
N HIS A 87 -15.44 10.47 5.88
CA HIS A 87 -14.18 10.04 5.27
C HIS A 87 -14.35 9.20 4.01
N GLY A 88 -15.28 8.25 4.06
CA GLY A 88 -15.53 7.39 2.91
C GLY A 88 -15.96 8.20 1.70
N THR A 89 -16.77 9.22 1.94
CA THR A 89 -17.24 10.09 0.86
C THR A 89 -16.09 10.86 0.22
N ARG A 90 -15.20 11.37 1.04
CA ARG A 90 -14.02 12.06 0.53
C ARG A 90 -13.16 11.12 -0.31
N CYS A 91 -12.95 9.91 0.20
CA CYS A 91 -12.12 8.94 -0.52
C CYS A 91 -12.75 8.52 -1.85
N ALA A 92 -14.07 8.34 -1.86
CA ALA A 92 -14.77 7.92 -3.07
C ALA A 92 -14.63 8.96 -4.20
N GLY A 93 -14.69 10.24 -3.86
CA GLY A 93 -14.56 11.29 -4.85
C GLY A 93 -13.17 11.35 -5.45
N GLU A 94 -12.17 10.98 -4.67
CA GLU A 94 -10.81 10.94 -5.16
C GLU A 94 -10.67 9.93 -6.29
N VAL A 95 -11.32 8.78 -6.11
CA VAL A 95 -11.26 7.72 -7.11
C VAL A 95 -12.08 8.07 -8.34
N ALA A 96 -13.33 8.50 -8.10
CA ALA A 96 -14.32 8.46 -9.16
C ALA A 96 -15.39 9.55 -9.11
N ALA A 97 -15.05 10.74 -8.65
CA ALA A 97 -15.98 11.87 -8.81
C ALA A 97 -16.25 12.08 -10.30
N VAL A 98 -17.52 12.36 -10.62
CA VAL A 98 -17.96 12.55 -12.00
C VAL A 98 -17.26 13.75 -12.66
N ALA A 99 -16.95 13.63 -13.95
CA ALA A 99 -16.29 14.70 -14.67
C ALA A 99 -17.27 15.49 -15.54
N ASN A 100 -16.90 16.73 -15.85
CA ASN A 100 -17.62 17.56 -16.82
C ASN A 100 -19.09 17.74 -16.47
N ASN A 101 -19.38 17.91 -15.19
CA ASN A 101 -20.76 18.07 -14.75
C ASN A 101 -20.94 19.32 -13.91
N GLY A 102 -19.98 20.24 -13.99
CA GLY A 102 -20.09 21.53 -13.31
C GLY A 102 -20.10 21.47 -11.79
N VAL A 103 -19.74 20.32 -11.24
CA VAL A 103 -19.69 20.14 -9.79
C VAL A 103 -18.28 19.76 -9.31
N CYS A 104 -17.76 20.49 -8.33
CA CYS A 104 -16.51 20.15 -7.64
C CYS A 104 -15.36 19.87 -8.62
N GLY A 105 -14.64 18.75 -8.41
CA GLY A 105 -13.52 18.39 -9.28
C GLY A 105 -13.81 17.09 -10.02
N VAL A 106 -12.78 16.27 -10.26
CA VAL A 106 -12.98 14.98 -10.90
C VAL A 106 -12.23 13.87 -10.17
N GLY A 107 -12.67 12.63 -10.35
CA GLY A 107 -11.94 11.47 -9.87
C GLY A 107 -10.76 11.17 -10.79
N VAL A 108 -9.78 10.42 -10.27
CA VAL A 108 -8.71 9.91 -11.11
C VAL A 108 -9.29 9.03 -12.22
N ALA A 109 -10.24 8.19 -11.85
CA ALA A 109 -10.93 7.30 -12.77
C ALA A 109 -12.38 7.75 -12.86
N TYR A 110 -12.60 8.90 -13.51
CA TYR A 110 -13.90 9.55 -13.40
C TYR A 110 -15.02 8.87 -14.19
N ASN A 111 -14.69 7.79 -14.88
CA ASN A 111 -15.71 6.97 -15.50
C ASN A 111 -15.81 5.57 -14.89
N ALA A 112 -15.09 5.33 -13.80
CA ALA A 112 -15.19 4.05 -13.10
C ALA A 112 -16.48 4.01 -12.30
N ARG A 113 -16.84 2.81 -11.84
CA ARG A 113 -17.96 2.69 -10.93
C ARG A 113 -17.43 2.65 -9.49
N ILE A 114 -18.15 3.27 -8.57
CA ILE A 114 -17.64 3.47 -7.22
C ILE A 114 -18.68 3.06 -6.18
N GLY A 115 -18.25 2.31 -5.18
CA GLY A 115 -19.11 1.97 -4.08
C GLY A 115 -18.36 2.14 -2.78
N GLY A 116 -19.03 1.88 -1.68
CA GLY A 116 -18.39 1.96 -0.40
C GLY A 116 -18.93 0.90 0.55
N VAL A 117 -18.08 0.43 1.44
CA VAL A 117 -18.55 -0.43 2.50
C VAL A 117 -18.56 0.36 3.80
N ARG A 118 -19.72 0.45 4.42
CA ARG A 118 -19.80 1.08 5.72
C ARG A 118 -19.43 0.06 6.78
N MET A 119 -18.22 0.15 7.32
CA MET A 119 -17.76 -0.83 8.29
C MET A 119 -16.94 -0.27 9.44
N LEU A 120 -16.57 1.01 9.38
CA LEU A 120 -15.82 1.61 10.48
C LEU A 120 -16.71 2.24 11.56
N ASP A 121 -17.99 2.42 11.26
CA ASP A 121 -18.89 3.17 12.16
C ASP A 121 -19.62 2.22 13.10
N GLY A 122 -18.86 1.64 14.01
CA GLY A 122 -19.37 0.58 14.87
C GLY A 122 -18.20 -0.26 15.37
N GLU A 123 -18.51 -1.35 16.06
CA GLU A 123 -17.46 -2.22 16.56
C GLU A 123 -16.84 -2.98 15.41
N VAL A 124 -15.53 -2.82 15.22
CA VAL A 124 -14.86 -3.42 14.08
C VAL A 124 -14.12 -4.68 14.52
N THR A 125 -14.82 -5.79 14.43
CA THR A 125 -14.27 -7.10 14.76
C THR A 125 -13.54 -7.68 13.56
N ASP A 126 -12.82 -8.78 13.80
CA ASP A 126 -12.23 -9.60 12.74
C ASP A 126 -13.28 -9.99 11.70
N ALA A 127 -14.47 -10.42 12.14
CA ALA A 127 -15.53 -10.78 11.21
C ALA A 127 -15.98 -9.60 10.34
N VAL A 128 -16.07 -8.41 10.95
CA VAL A 128 -16.47 -7.21 10.21
C VAL A 128 -15.46 -6.94 9.09
N GLU A 129 -14.18 -7.01 9.43
CA GLU A 129 -13.13 -6.80 8.44
C GLU A 129 -13.24 -7.83 7.32
N ALA A 130 -13.44 -9.09 7.69
CA ALA A 130 -13.42 -10.18 6.71
C ALA A 130 -14.58 -10.04 5.73
N ARG A 131 -15.75 -9.67 6.24
CA ARG A 131 -16.91 -9.53 5.39
C ARG A 131 -16.76 -8.33 4.46
N SER A 132 -15.99 -7.32 4.89
CA SER A 132 -15.77 -6.16 4.03
C SER A 132 -14.76 -6.46 2.92
N LEU A 133 -13.63 -7.02 3.31
CA LEU A 133 -12.59 -7.43 2.36
C LEU A 133 -13.13 -8.44 1.35
N GLY A 134 -14.06 -9.29 1.80
CA GLY A 134 -14.60 -10.34 0.96
C GLY A 134 -15.92 -9.97 0.28
N LEU A 135 -16.24 -8.68 0.21
CA LEU A 135 -17.49 -8.25 -0.41
C LEU A 135 -17.48 -8.43 -1.92
N ASN A 136 -18.49 -9.13 -2.44
CA ASN A 136 -18.70 -9.29 -3.89
C ASN A 136 -17.42 -9.34 -4.73
N PRO A 137 -16.53 -10.31 -4.44
CA PRO A 137 -15.19 -10.28 -5.03
C PRO A 137 -15.15 -10.68 -6.50
N ASN A 138 -16.28 -11.07 -7.08
CA ASN A 138 -16.33 -11.25 -8.51
C ASN A 138 -17.03 -10.09 -9.20
N HIS A 139 -17.29 -9.03 -8.45
CA HIS A 139 -17.83 -7.80 -9.05
C HIS A 139 -16.89 -6.62 -8.82
N ILE A 140 -16.48 -6.44 -7.57
CA ILE A 140 -15.49 -5.41 -7.23
C ILE A 140 -14.10 -5.82 -7.72
N HIS A 141 -13.40 -4.91 -8.41
CA HIS A 141 -12.05 -5.20 -8.87
C HIS A 141 -10.98 -4.76 -7.87
N ILE A 142 -11.19 -3.58 -7.30
CA ILE A 142 -10.20 -2.90 -6.47
C ILE A 142 -10.84 -2.42 -5.18
N TYR A 143 -10.18 -2.71 -4.05
CA TYR A 143 -10.61 -2.28 -2.73
C TYR A 143 -9.62 -1.25 -2.22
N SER A 144 -10.12 -0.21 -1.56
CA SER A 144 -9.25 0.83 -1.01
C SER A 144 -9.52 0.96 0.47
N ALA A 145 -8.46 0.91 1.28
CA ALA A 145 -8.61 1.02 2.72
C ALA A 145 -7.58 1.96 3.30
N SER A 146 -8.08 2.88 4.11
CA SER A 146 -7.29 3.97 4.70
C SER A 146 -7.32 3.87 6.21
N TRP A 147 -7.51 2.65 6.72
CA TRP A 147 -7.61 2.39 8.16
C TRP A 147 -6.66 1.29 8.56
N GLY A 148 -6.43 1.14 9.86
CA GLY A 148 -5.59 0.06 10.39
C GLY A 148 -5.33 0.21 11.88
N PRO A 149 -4.35 -0.54 12.42
CA PRO A 149 -4.04 -0.51 13.85
C PRO A 149 -3.67 0.89 14.31
N GLU A 150 -3.90 1.18 15.58
CA GLU A 150 -3.68 2.53 16.09
C GLU A 150 -2.28 3.03 15.76
N ASP A 151 -2.20 4.24 15.21
CA ASP A 151 -0.91 4.84 14.87
C ASP A 151 -0.29 5.55 16.07
N ASP A 152 -0.24 4.89 17.22
CA ASP A 152 0.31 5.51 18.42
C ASP A 152 1.81 5.24 18.56
N GLY A 153 2.36 4.48 17.62
CA GLY A 153 3.78 4.19 17.66
C GLY A 153 4.19 3.19 18.73
N LYS A 154 3.20 2.47 19.30
CA LYS A 154 3.54 1.40 20.22
C LYS A 154 2.76 0.12 19.96
N THR A 155 1.96 0.12 18.90
CA THR A 155 1.13 -1.04 18.62
C THR A 155 1.76 -1.97 17.57
N VAL A 156 1.66 -3.27 17.81
CA VAL A 156 1.98 -4.28 16.79
C VAL A 156 0.74 -5.11 16.59
N ASP A 157 0.15 -5.02 15.40
CA ASP A 157 -1.12 -5.66 15.17
C ASP A 157 -1.38 -5.84 13.68
N GLY A 158 -2.04 -6.93 13.32
CA GLY A 158 -2.41 -7.18 11.95
C GLY A 158 -3.72 -7.92 11.83
N PRO A 159 -4.06 -8.37 10.61
CA PRO A 159 -5.32 -9.09 10.42
C PRO A 159 -5.38 -10.36 11.27
N ALA A 160 -6.53 -10.59 11.91
CA ALA A 160 -6.75 -11.84 12.60
C ALA A 160 -7.19 -12.89 11.58
N ARG A 161 -7.64 -14.05 12.04
CA ARG A 161 -7.81 -15.20 11.15
C ARG A 161 -8.81 -14.98 10.00
N LEU A 162 -10.00 -14.48 10.31
CA LEU A 162 -11.01 -14.31 9.25
C LEU A 162 -10.53 -13.29 8.21
N ALA A 163 -9.90 -12.21 8.66
CA ALA A 163 -9.41 -11.19 7.75
C ALA A 163 -8.25 -11.71 6.89
N GLU A 164 -7.35 -12.47 7.49
CA GLU A 164 -6.24 -13.03 6.73
C GLU A 164 -6.79 -14.01 5.69
N GLU A 165 -7.79 -14.78 6.10
CA GLU A 165 -8.44 -15.70 5.18
C GLU A 165 -9.11 -14.94 4.04
N ALA A 166 -9.68 -13.79 4.35
CA ALA A 166 -10.31 -12.96 3.31
C ALA A 166 -9.27 -12.47 2.29
N PHE A 167 -8.09 -12.09 2.77
CA PHE A 167 -7.01 -11.70 1.86
C PHE A 167 -6.62 -12.87 0.96
N PHE A 168 -6.45 -14.06 1.52
N PHE A 168 -6.43 -14.04 1.59
CA PHE A 168 -5.99 -15.18 0.68
CA PHE A 168 -6.10 -15.28 0.89
C PHE A 168 -7.08 -15.61 -0.31
C PHE A 168 -7.07 -15.53 -0.25
N ARG A 169 -8.35 -15.60 0.12
CA ARG A 169 -9.44 -15.92 -0.78
C ARG A 169 -9.56 -14.87 -1.88
N GLY A 170 -9.32 -13.62 -1.51
CA GLY A 170 -9.40 -12.52 -2.46
C GLY A 170 -8.35 -12.64 -3.56
N VAL A 171 -7.09 -12.80 -3.20
CA VAL A 171 -6.06 -12.82 -4.23
C VAL A 171 -6.08 -14.14 -5.01
N SER A 172 -6.64 -15.19 -4.41
CA SER A 172 -6.66 -16.51 -5.06
C SER A 172 -7.83 -16.67 -6.01
N GLN A 173 -9.04 -16.37 -5.54
CA GLN A 173 -10.25 -16.67 -6.29
C GLN A 173 -10.99 -15.41 -6.72
N GLY A 174 -10.68 -14.27 -6.12
CA GLY A 174 -11.27 -13.00 -6.52
C GLY A 174 -11.01 -12.62 -7.97
N ARG A 175 -11.89 -11.80 -8.53
CA ARG A 175 -11.75 -11.31 -9.91
C ARG A 175 -11.51 -12.44 -10.91
N GLY A 176 -12.28 -13.51 -10.82
CA GLY A 176 -12.17 -14.62 -11.76
C GLY A 176 -10.86 -15.38 -11.64
N GLY A 177 -10.24 -15.35 -10.47
CA GLY A 177 -8.98 -16.02 -10.27
C GLY A 177 -7.75 -15.15 -10.49
N LEU A 178 -7.96 -13.94 -10.97
CA LEU A 178 -6.85 -13.01 -11.17
C LEU A 178 -6.42 -12.35 -9.86
N GLY A 179 -7.35 -12.27 -8.90
CA GLY A 179 -7.06 -11.79 -7.57
C GLY A 179 -7.52 -10.37 -7.31
N SER A 180 -8.24 -10.18 -6.21
CA SER A 180 -8.64 -8.85 -5.77
C SER A 180 -7.42 -7.96 -5.60
N ILE A 181 -7.56 -6.69 -5.94
N ILE A 181 -7.55 -6.69 -5.93
CA ILE A 181 -6.52 -5.71 -5.70
CA ILE A 181 -6.47 -5.76 -5.69
C ILE A 181 -6.85 -4.95 -4.43
C ILE A 181 -6.79 -4.91 -4.47
N PHE A 182 -6.03 -5.13 -3.39
CA PHE A 182 -6.23 -4.42 -2.13
C PHE A 182 -5.23 -3.26 -2.04
N VAL A 183 -5.71 -2.03 -2.11
CA VAL A 183 -4.84 -0.87 -2.01
C VAL A 183 -4.93 -0.33 -0.58
N TRP A 184 -3.79 -0.08 0.04
CA TRP A 184 -3.76 0.26 1.46
C TRP A 184 -2.91 1.50 1.73
N ALA A 185 -3.38 2.34 2.65
CA ALA A 185 -2.62 3.49 3.12
C ALA A 185 -1.58 3.01 4.14
N SER A 186 -0.34 3.47 4.04
CA SER A 186 0.70 2.94 4.92
C SER A 186 0.64 3.47 6.36
N GLY A 187 -0.11 4.54 6.61
CA GLY A 187 -0.29 4.98 7.98
C GLY A 187 -0.11 6.47 8.20
N ASN A 188 -0.61 6.97 9.33
CA ASN A 188 -0.46 8.39 9.66
C ASN A 188 0.24 8.63 10.98
N GLY A 189 1.09 7.71 11.41
CA GLY A 189 1.71 7.78 12.72
C GLY A 189 3.06 8.48 12.79
N GLY A 190 3.36 9.29 11.78
CA GLY A 190 4.61 10.03 11.73
C GLY A 190 4.95 10.80 12.99
N ARG A 191 3.98 11.50 13.55
CA ARG A 191 4.24 12.31 14.75
C ARG A 191 4.65 11.42 15.94
N GLU A 192 4.16 10.18 15.96
CA GLU A 192 4.50 9.25 17.03
C GLU A 192 5.72 8.39 16.70
N HIS A 193 6.45 8.76 15.65
CA HIS A 193 7.59 7.98 15.17
C HIS A 193 7.22 6.52 14.95
N ASP A 194 6.03 6.30 14.38
CA ASP A 194 5.57 4.94 14.08
C ASP A 194 6.37 4.34 12.90
N SER A 195 6.43 3.01 12.84
CA SER A 195 7.17 2.31 11.81
C SER A 195 6.15 1.37 11.17
N CYS A 196 5.85 1.52 9.87
CA CYS A 196 4.65 0.84 9.37
C CYS A 196 4.77 -0.69 9.17
N ASN A 197 5.93 -1.30 9.37
CA ASN A 197 5.96 -2.76 9.29
C ASN A 197 5.29 -3.37 10.51
N CYS A 198 5.02 -2.56 11.53
CA CYS A 198 4.28 -3.01 12.72
C CYS A 198 2.76 -3.04 12.52
N ASP A 199 2.33 -2.71 11.31
CA ASP A 199 0.93 -2.70 10.89
C ASP A 199 0.77 -3.85 9.91
N GLY A 200 0.11 -4.93 10.33
CA GLY A 200 0.08 -6.15 9.52
C GLY A 200 -0.73 -6.03 8.24
N TYR A 201 -1.60 -5.01 8.17
CA TYR A 201 -2.42 -4.79 6.98
C TYR A 201 -1.57 -4.24 5.84
N THR A 202 -0.85 -3.16 6.13
CA THR A 202 0.01 -2.58 5.11
C THR A 202 1.26 -3.44 4.86
N ASN A 203 1.74 -4.12 5.90
CA ASN A 203 2.92 -5.00 5.83
C ASN A 203 2.64 -6.29 5.02
N SER A 204 1.39 -6.53 4.67
CA SER A 204 1.00 -7.73 3.93
C SER A 204 1.49 -7.70 2.48
N ILE A 205 1.82 -8.87 1.93
CA ILE A 205 2.19 -8.93 0.53
C ILE A 205 0.94 -8.76 -0.33
N TYR A 206 -0.23 -9.04 0.25
CA TYR A 206 -1.48 -9.00 -0.50
C TYR A 206 -2.05 -7.61 -0.65
N THR A 207 -1.47 -6.64 0.07
CA THR A 207 -1.94 -5.26 -0.08
C THR A 207 -0.88 -4.46 -0.81
N LEU A 208 -1.35 -3.54 -1.63
CA LEU A 208 -0.47 -2.69 -2.41
C LEU A 208 -0.38 -1.36 -1.67
N SER A 209 0.71 -1.17 -0.94
CA SER A 209 0.76 -0.12 0.08
C SER A 209 1.36 1.16 -0.44
N ILE A 210 0.71 2.26 -0.04
CA ILE A 210 0.97 3.59 -0.60
C ILE A 210 1.26 4.64 0.48
N SER A 211 2.31 5.43 0.28
CA SER A 211 2.65 6.52 1.20
C SER A 211 2.41 7.88 0.52
N SER A 212 2.75 8.97 1.22
CA SER A 212 2.42 10.30 0.74
C SER A 212 3.65 11.17 0.52
N ALA A 213 3.53 12.13 -0.39
CA ALA A 213 4.50 13.21 -0.50
C ALA A 213 3.76 14.55 -0.51
N THR A 214 4.39 15.58 0.05
CA THR A 214 3.78 16.92 0.02
C THR A 214 3.95 17.56 -1.35
N GLN A 215 3.27 18.68 -1.56
CA GLN A 215 3.33 19.37 -2.85
C GLN A 215 4.76 19.73 -3.23
N PHE A 216 5.56 20.17 -2.26
CA PHE A 216 6.92 20.59 -2.56
C PHE A 216 7.88 19.41 -2.59
N GLY A 217 7.33 18.20 -2.59
CA GLY A 217 8.14 17.00 -2.71
C GLY A 217 8.82 16.50 -1.45
N ASN A 218 8.23 16.78 -0.28
CA ASN A 218 8.84 16.34 0.96
C ASN A 218 8.07 15.26 1.70
N VAL A 219 8.72 14.64 2.65
CA VAL A 219 8.10 13.63 3.51
C VAL A 219 7.21 14.33 4.52
N PRO A 220 5.90 14.12 4.43
CA PRO A 220 4.98 14.85 5.31
C PRO A 220 5.18 14.49 6.79
N TRP A 221 4.69 15.36 7.67
CA TRP A 221 4.82 15.16 9.11
C TRP A 221 4.22 13.83 9.58
N TYR A 222 3.15 13.40 8.92
CA TYR A 222 2.39 12.21 9.34
C TYR A 222 2.91 10.89 8.75
N SER A 223 3.87 10.98 7.85
CA SER A 223 4.34 9.78 7.14
C SER A 223 5.04 8.75 8.05
N GLU A 224 4.79 7.47 7.79
CA GLU A 224 5.54 6.38 8.44
C GLU A 224 6.45 5.73 7.42
N ALA A 225 7.73 5.58 7.78
CA ALA A 225 8.67 4.88 6.92
C ALA A 225 8.64 3.39 7.21
N CYS A 226 8.70 2.56 6.16
CA CYS A 226 8.92 1.12 6.33
C CYS A 226 9.24 0.46 4.99
N SER A 227 9.79 -0.74 5.06
CA SER A 227 10.24 -1.46 3.86
C SER A 227 9.09 -2.10 3.08
N SER A 228 7.90 -2.17 3.67
CA SER A 228 6.78 -2.83 3.00
C SER A 228 6.06 -1.93 2.00
N THR A 229 6.30 -0.62 2.07
CA THR A 229 5.63 0.34 1.18
C THR A 229 6.09 0.15 -0.27
N LEU A 230 5.17 0.26 -1.22
CA LEU A 230 5.51 0.06 -2.63
C LEU A 230 5.72 1.36 -3.40
N ALA A 231 4.89 2.37 -3.13
CA ALA A 231 4.94 3.59 -3.90
C ALA A 231 4.20 4.71 -3.19
N THR A 232 4.07 5.84 -3.89
CA THR A 232 3.66 7.11 -3.28
C THR A 232 2.70 7.87 -4.18
N THR A 233 1.72 8.55 -3.58
CA THR A 233 1.00 9.59 -4.29
C THR A 233 1.03 10.87 -3.46
N TYR A 234 0.75 12.01 -4.10
CA TYR A 234 0.72 13.28 -3.39
C TYR A 234 -0.42 13.32 -2.37
N SER A 235 -0.20 14.04 -1.27
CA SER A 235 -1.26 14.39 -0.34
C SER A 235 -0.89 15.72 0.33
N SER A 236 -1.37 15.95 1.55
CA SER A 236 -1.19 17.24 2.19
C SER A 236 0.17 17.39 2.86
N GLY A 237 0.50 18.62 3.23
CA GLY A 237 1.74 18.90 3.91
C GLY A 237 1.53 20.08 4.86
N ASN A 238 2.36 21.13 4.76
CA ASN A 238 2.23 22.27 5.64
C ASN A 238 1.18 23.24 5.08
N GLN A 239 0.99 24.37 5.73
CA GLN A 239 -0.14 25.22 5.36
C GLN A 239 0.17 26.14 4.19
N ASN A 240 1.40 26.07 3.66
CA ASN A 240 1.68 26.75 2.38
C ASN A 240 1.52 25.82 1.20
N GLU A 241 1.35 24.53 1.48
CA GLU A 241 1.22 23.52 0.44
C GLU A 241 -0.25 23.20 0.20
N LYS A 242 -0.61 22.94 -1.05
CA LYS A 242 -2.01 22.68 -1.39
C LYS A 242 -2.43 21.30 -0.90
N GLN A 243 -3.71 21.01 -0.97
CA GLN A 243 -4.23 19.77 -0.38
C GLN A 243 -5.08 19.03 -1.40
N ILE A 244 -5.83 18.04 -0.93
CA ILE A 244 -6.63 17.24 -1.84
C ILE A 244 -8.03 17.82 -1.98
N VAL A 245 -8.50 17.92 -3.21
CA VAL A 245 -9.82 18.49 -3.48
C VAL A 245 -10.79 17.37 -3.82
N THR A 246 -11.89 17.27 -3.08
CA THR A 246 -12.77 16.14 -3.28
C THR A 246 -14.20 16.38 -2.75
N THR A 247 -15.03 15.37 -2.95
CA THR A 247 -16.43 15.37 -2.49
C THR A 247 -16.51 15.26 -0.98
N ASP A 248 -17.39 16.01 -0.36
CA ASP A 248 -17.49 15.97 1.10
C ASP A 248 -18.91 15.64 1.53
N LEU A 249 -19.07 15.30 2.80
CA LEU A 249 -20.36 14.97 3.37
C LEU A 249 -21.34 16.15 3.21
N ARG A 250 -22.63 15.85 3.11
CA ARG A 250 -23.71 16.84 2.93
C ARG A 250 -23.59 17.54 1.58
N GLN A 251 -23.18 16.77 0.57
CA GLN A 251 -23.18 17.20 -0.83
C GLN A 251 -22.31 18.43 -1.07
N LYS A 252 -21.24 18.53 -0.29
CA LYS A 252 -20.32 19.65 -0.40
C LYS A 252 -19.05 19.28 -1.17
N CYS A 253 -18.24 20.29 -1.42
CA CYS A 253 -16.95 20.09 -2.04
C CYS A 253 -15.90 20.60 -1.05
N THR A 254 -14.85 19.81 -0.81
CA THR A 254 -13.81 20.22 0.12
C THR A 254 -12.45 20.31 -0.56
N GLU A 255 -11.65 21.25 -0.11
CA GLU A 255 -10.34 21.43 -0.70
C GLU A 255 -9.29 21.11 0.35
N SER A 256 -9.71 20.42 1.40
CA SER A 256 -8.80 20.19 2.52
C SER A 256 -8.79 18.74 3.02
N HIS A 257 -8.92 17.78 2.11
CA HIS A 257 -8.73 16.38 2.48
C HIS A 257 -7.23 16.17 2.67
N THR A 258 -6.84 15.34 3.65
CA THR A 258 -5.44 15.24 4.08
C THR A 258 -4.95 13.84 4.50
N GLY A 259 -3.63 13.69 4.64
CA GLY A 259 -3.00 12.49 5.19
C GLY A 259 -2.76 11.35 4.22
N THR A 260 -2.17 10.27 4.72
CA THR A 260 -1.96 9.09 3.88
C THR A 260 -3.30 8.50 3.46
N SER A 261 -4.34 8.75 4.25
N SER A 261 -4.33 8.76 4.27
CA SER A 261 -5.66 8.24 3.91
CA SER A 261 -5.69 8.31 3.95
C SER A 261 -6.18 8.82 2.58
C SER A 261 -6.16 8.82 2.59
N ALA A 262 -5.64 9.96 2.16
CA ALA A 262 -6.00 10.52 0.87
C ALA A 262 -5.15 9.90 -0.25
N SER A 263 -3.99 9.35 0.10
CA SER A 263 -3.10 8.80 -0.93
C SER A 263 -3.55 7.45 -1.49
N ALA A 264 -4.11 6.59 -0.65
CA ALA A 264 -4.57 5.29 -1.12
C ALA A 264 -5.66 5.40 -2.20
N PRO A 265 -6.71 6.23 -1.99
CA PRO A 265 -7.73 6.34 -3.05
C PRO A 265 -7.17 6.83 -4.39
N LEU A 266 -6.20 7.73 -4.36
CA LEU A 266 -5.63 8.22 -5.61
C LEU A 266 -4.92 7.09 -6.33
N ALA A 267 -4.20 6.27 -5.56
CA ALA A 267 -3.54 5.09 -6.11
C ALA A 267 -4.57 4.11 -6.65
N ALA A 268 -5.66 3.90 -5.90
CA ALA A 268 -6.72 3.00 -6.35
C ALA A 268 -7.30 3.49 -7.69
N GLY A 269 -7.45 4.80 -7.83
CA GLY A 269 -7.90 5.36 -9.10
C GLY A 269 -6.94 5.08 -10.24
N ILE A 270 -5.64 5.25 -9.99
CA ILE A 270 -4.62 5.00 -11.00
C ILE A 270 -4.61 3.52 -11.37
N ILE A 271 -4.78 2.66 -10.37
CA ILE A 271 -4.86 1.23 -10.63
C ILE A 271 -6.11 0.89 -11.44
N ALA A 272 -7.20 1.64 -11.24
CA ALA A 272 -8.41 1.41 -12.04
C ALA A 272 -8.14 1.71 -13.53
N LEU A 273 -7.45 2.81 -13.80
CA LEU A 273 -7.09 3.15 -15.18
C LEU A 273 -6.25 2.05 -15.81
N THR A 274 -5.31 1.54 -15.04
CA THR A 274 -4.42 0.48 -15.46
C THR A 274 -5.18 -0.82 -15.80
N LEU A 275 -6.14 -1.18 -14.94
CA LEU A 275 -6.98 -2.34 -15.19
C LEU A 275 -7.80 -2.18 -16.45
N GLU A 276 -8.26 -0.95 -16.72
CA GLU A 276 -9.00 -0.71 -17.97
C GLU A 276 -8.09 -0.99 -19.17
N ALA A 277 -6.82 -0.62 -19.05
CA ALA A 277 -5.86 -0.82 -20.12
C ALA A 277 -5.50 -2.30 -20.32
N ASN A 278 -5.69 -3.12 -19.30
CA ASN A 278 -5.48 -4.57 -19.41
C ASN A 278 -6.25 -5.30 -18.31
N LYS A 279 -7.43 -5.79 -18.62
CA LYS A 279 -8.30 -6.43 -17.64
C LYS A 279 -7.74 -7.75 -17.13
N ASN A 280 -6.75 -8.29 -17.83
CA ASN A 280 -6.18 -9.60 -17.52
C ASN A 280 -5.03 -9.57 -16.50
N LEU A 281 -4.71 -8.39 -15.99
CA LEU A 281 -3.62 -8.25 -15.02
C LEU A 281 -3.99 -8.95 -13.73
N THR A 282 -3.05 -9.73 -13.18
CA THR A 282 -3.26 -10.39 -11.89
C THR A 282 -2.89 -9.43 -10.76
N TRP A 283 -3.20 -9.80 -9.52
CA TRP A 283 -2.83 -8.97 -8.38
C TRP A 283 -1.32 -8.79 -8.29
N ARG A 284 -0.55 -9.80 -8.72
CA ARG A 284 0.89 -9.68 -8.71
C ARG A 284 1.39 -8.86 -9.88
N ASP A 285 0.77 -9.02 -11.06
CA ASP A 285 1.09 -8.17 -12.21
C ASP A 285 1.03 -6.70 -11.80
N MET A 286 -0.02 -6.34 -11.06
CA MET A 286 -0.22 -4.95 -10.72
C MET A 286 0.92 -4.41 -9.87
N GLN A 287 1.44 -5.22 -8.96
CA GLN A 287 2.54 -4.76 -8.11
C GLN A 287 3.84 -4.62 -8.92
N HIS A 288 4.06 -5.54 -9.86
CA HIS A 288 5.19 -5.42 -10.79
C HIS A 288 5.13 -4.10 -11.58
N LEU A 289 3.94 -3.77 -12.09
CA LEU A 289 3.76 -2.53 -12.88
C LEU A 289 4.13 -1.31 -12.04
N VAL A 290 3.68 -1.31 -10.80
CA VAL A 290 3.98 -0.20 -9.88
C VAL A 290 5.48 -0.09 -9.61
N VAL A 291 6.13 -1.23 -9.38
CA VAL A 291 7.57 -1.22 -9.16
C VAL A 291 8.31 -0.67 -10.38
N GLN A 292 7.93 -1.10 -11.58
CA GLN A 292 8.69 -0.73 -12.76
C GLN A 292 8.47 0.73 -13.21
N THR A 293 7.28 1.28 -12.95
CA THR A 293 6.94 2.58 -13.52
C THR A 293 6.98 3.77 -12.57
N SER A 294 7.12 3.52 -11.27
CA SER A 294 7.03 4.61 -10.31
C SER A 294 8.31 5.44 -10.32
N LYS A 295 8.16 6.73 -10.04
CA LYS A 295 9.17 7.74 -10.31
C LYS A 295 9.72 8.42 -9.05
N PRO A 296 11.02 8.23 -8.78
CA PRO A 296 11.62 8.90 -7.62
C PRO A 296 11.79 10.41 -7.79
N ALA A 297 11.91 10.88 -9.03
CA ALA A 297 12.38 12.24 -9.31
C ALA A 297 11.62 13.30 -8.53
N HIS A 298 12.37 14.23 -7.95
CA HIS A 298 11.82 15.39 -7.22
C HIS A 298 11.19 15.03 -5.88
N LEU A 299 11.31 13.77 -5.46
CA LEU A 299 10.91 13.44 -4.10
C LEU A 299 12.14 13.48 -3.21
N ASN A 300 12.09 14.31 -2.16
CA ASN A 300 13.23 14.47 -1.26
C ASN A 300 13.18 13.52 -0.07
N ALA A 301 14.27 12.76 0.10
CA ALA A 301 14.42 11.85 1.23
C ALA A 301 15.90 11.64 1.50
N ASN A 302 16.24 11.35 2.75
N ASN A 302 16.25 11.36 2.75
CA ASN A 302 17.63 11.18 3.11
CA ASN A 302 17.65 11.18 3.10
C ASN A 302 18.09 9.73 3.02
C ASN A 302 18.13 9.73 2.92
N ASP A 303 17.19 8.85 2.57
CA ASP A 303 17.50 7.42 2.55
C ASP A 303 17.35 6.74 1.17
N TRP A 304 17.36 7.53 0.09
CA TRP A 304 17.27 6.93 -1.24
C TRP A 304 18.45 5.99 -1.43
N ALA A 305 18.18 4.80 -1.95
CA ALA A 305 19.25 3.84 -2.19
C ALA A 305 18.97 3.09 -3.48
N THR A 306 20.02 2.64 -4.14
CA THR A 306 19.86 1.91 -5.38
C THR A 306 19.94 0.43 -5.07
N ASN A 307 18.92 -0.34 -5.45
CA ASN A 307 18.94 -1.77 -5.12
C ASN A 307 19.75 -2.59 -6.14
N GLY A 308 19.60 -3.91 -6.09
CA GLY A 308 20.47 -4.79 -6.84
C GLY A 308 20.19 -4.80 -8.34
N VAL A 309 19.01 -4.33 -8.73
CA VAL A 309 18.68 -4.26 -10.14
C VAL A 309 18.63 -2.80 -10.60
N GLY A 310 19.23 -1.92 -9.81
CA GLY A 310 19.42 -0.54 -10.23
C GLY A 310 18.25 0.42 -10.02
N ARG A 311 17.25 0.01 -9.24
CA ARG A 311 16.10 0.89 -8.99
C ARG A 311 16.31 1.64 -7.69
N LYS A 312 15.94 2.92 -7.69
CA LYS A 312 15.99 3.74 -6.49
C LYS A 312 14.80 3.42 -5.59
N VAL A 313 15.07 3.26 -4.30
N VAL A 313 15.08 3.20 -4.31
CA VAL A 313 14.01 2.95 -3.36
CA VAL A 313 14.04 2.90 -3.32
C VAL A 313 14.26 3.63 -2.03
C VAL A 313 14.27 3.68 -2.04
N SER A 314 13.17 4.08 -1.42
CA SER A 314 13.20 4.80 -0.15
C SER A 314 12.20 4.16 0.78
N HIS A 315 12.46 4.22 2.08
CA HIS A 315 11.49 3.68 3.03
C HIS A 315 10.31 4.63 3.22
N SER A 316 10.48 5.90 2.83
CA SER A 316 9.38 6.84 2.88
C SER A 316 8.47 6.73 1.67
N TYR A 317 9.06 6.40 0.52
CA TYR A 317 8.35 6.51 -0.74
C TYR A 317 8.22 5.23 -1.56
N GLY A 318 8.82 4.14 -1.09
CA GLY A 318 8.91 2.94 -1.90
C GLY A 318 9.68 3.26 -3.17
N TYR A 319 9.12 2.90 -4.32
CA TYR A 319 9.78 3.12 -5.60
C TYR A 319 9.48 4.51 -6.17
N GLY A 320 8.71 5.29 -5.43
CA GLY A 320 8.49 6.67 -5.80
C GLY A 320 7.04 6.97 -6.14
N LEU A 321 6.85 8.07 -6.87
CA LEU A 321 5.55 8.57 -7.27
C LEU A 321 4.90 7.70 -8.33
N LEU A 322 3.63 7.36 -8.14
CA LEU A 322 2.89 6.68 -9.20
C LEU A 322 2.86 7.55 -10.45
N ASP A 323 2.89 6.91 -11.60
CA ASP A 323 2.89 7.58 -12.90
C ASP A 323 1.81 6.91 -13.74
N ALA A 324 0.63 7.53 -13.79
CA ALA A 324 -0.53 6.92 -14.43
C ALA A 324 -0.29 6.67 -15.91
N GLY A 325 0.28 7.66 -16.59
CA GLY A 325 0.57 7.53 -18.01
C GLY A 325 1.45 6.32 -18.28
N ALA A 326 2.49 6.15 -17.46
CA ALA A 326 3.41 5.05 -17.66
C ALA A 326 2.81 3.68 -17.29
N MET A 327 1.99 3.67 -16.23
CA MET A 327 1.28 2.46 -15.82
C MET A 327 0.41 1.93 -16.95
N VAL A 328 -0.43 2.79 -17.53
N VAL A 328 -0.41 2.82 -17.49
CA VAL A 328 -1.35 2.32 -18.55
CA VAL A 328 -1.35 2.51 -18.55
C VAL A 328 -0.62 1.94 -19.84
C VAL A 328 -0.63 1.99 -19.80
N ALA A 329 0.51 2.60 -20.12
CA ALA A 329 1.28 2.25 -21.30
C ALA A 329 1.89 0.86 -21.17
N LEU A 330 2.53 0.60 -20.05
CA LEU A 330 3.19 -0.69 -19.80
C LEU A 330 2.17 -1.83 -19.68
N ALA A 331 1.00 -1.52 -19.14
CA ALA A 331 -0.04 -2.53 -18.94
C ALA A 331 -0.49 -3.19 -20.24
N GLN A 332 -0.51 -2.41 -21.31
CA GLN A 332 -1.19 -2.84 -22.53
C GLN A 332 -0.60 -4.12 -23.13
N ASN A 333 0.72 -4.21 -23.23
CA ASN A 333 1.32 -5.42 -23.78
C ASN A 333 2.00 -6.27 -22.71
N TRP A 334 1.58 -6.11 -21.46
CA TRP A 334 2.18 -6.84 -20.35
C TRP A 334 1.96 -8.34 -20.45
N THR A 335 3.03 -9.10 -20.27
CA THR A 335 2.95 -10.56 -20.20
C THR A 335 2.78 -11.00 -18.75
N THR A 336 1.72 -11.76 -18.48
CA THR A 336 1.40 -12.24 -17.13
C THR A 336 2.61 -12.90 -16.49
N VAL A 337 2.90 -12.56 -15.24
CA VAL A 337 4.04 -13.18 -14.56
C VAL A 337 3.76 -14.66 -14.29
N ALA A 338 4.82 -15.42 -14.12
CA ALA A 338 4.71 -16.85 -13.83
C ALA A 338 4.05 -17.08 -12.46
N PRO A 339 3.59 -18.32 -12.20
CA PRO A 339 2.97 -18.58 -10.89
C PRO A 339 3.92 -18.25 -9.74
N GLN A 340 3.38 -17.80 -8.63
CA GLN A 340 4.18 -17.40 -7.49
C GLN A 340 4.80 -18.59 -6.78
N ARG A 341 6.12 -18.54 -6.58
CA ARG A 341 6.82 -19.58 -5.81
C ARG A 341 7.09 -19.05 -4.41
N LYS A 342 7.25 -19.97 -3.47
CA LYS A 342 7.49 -19.62 -2.08
C LYS A 342 8.60 -20.52 -1.52
N CYS A 343 9.74 -19.92 -1.19
CA CYS A 343 10.87 -20.67 -0.66
C CYS A 343 11.02 -20.35 0.83
N ILE A 344 10.91 -21.39 1.66
CA ILE A 344 10.94 -21.22 3.11
C ILE A 344 12.30 -21.65 3.66
N ILE A 345 13.00 -20.75 4.33
CA ILE A 345 14.31 -21.06 4.86
C ILE A 345 14.38 -20.79 6.37
N ASP A 346 14.44 -21.86 7.14
CA ASP A 346 14.58 -21.75 8.59
C ASP A 346 16.05 -21.47 8.90
N ILE A 347 16.35 -20.27 9.40
CA ILE A 347 17.73 -19.79 9.46
C ILE A 347 18.50 -20.29 10.69
N LEU A 348 17.92 -20.19 11.88
CA LEU A 348 18.65 -20.47 13.12
C LEU A 348 18.87 -21.97 13.39
N THR A 349 20.01 -22.30 13.99
CA THR A 349 20.22 -23.67 14.49
C THR A 349 20.08 -23.71 16.00
N GLU A 350 20.11 -22.53 16.62
CA GLU A 350 19.95 -22.40 18.06
C GLU A 350 19.51 -20.97 18.36
N PRO A 351 18.82 -20.77 19.49
CA PRO A 351 18.45 -19.40 19.86
C PRO A 351 19.68 -18.51 20.07
N LYS A 352 19.52 -17.21 19.86
CA LYS A 352 20.64 -16.27 19.94
C LYS A 352 20.29 -15.10 20.86
N ASP A 353 21.17 -14.86 21.82
N ASP A 353 21.14 -14.86 21.86
CA ASP A 353 21.09 -13.70 22.69
CA ASP A 353 20.93 -13.71 22.74
C ASP A 353 21.19 -12.41 21.88
C ASP A 353 21.19 -12.44 21.94
N ILE A 354 20.33 -11.44 22.14
CA ILE A 354 20.40 -10.19 21.39
C ILE A 354 21.44 -9.25 21.98
N GLY A 355 21.37 -8.99 23.28
CA GLY A 355 22.29 -8.07 23.91
C GLY A 355 22.29 -6.70 23.24
N LYS A 356 23.48 -6.15 23.03
CA LYS A 356 23.59 -4.80 22.47
C LYS A 356 23.40 -4.83 20.95
N ARG A 357 23.83 -5.93 20.35
CA ARG A 357 23.76 -6.10 18.90
C ARG A 357 23.88 -7.58 18.56
N LEU A 358 23.04 -8.01 17.62
CA LEU A 358 23.12 -9.37 17.09
C LEU A 358 23.16 -9.29 15.58
N GLU A 359 24.10 -10.00 14.99
CA GLU A 359 24.15 -10.12 13.54
C GLU A 359 24.08 -11.60 13.18
N VAL A 360 23.14 -11.96 12.31
CA VAL A 360 22.99 -13.34 11.83
C VAL A 360 23.23 -13.38 10.34
N ARG A 361 24.25 -14.13 9.93
CA ARG A 361 24.61 -14.29 8.52
C ARG A 361 24.22 -15.67 8.06
N LYS A 362 23.67 -15.77 6.87
CA LYS A 362 23.28 -17.07 6.36
C LYS A 362 23.32 -17.08 4.85
N THR A 363 24.07 -18.01 4.28
CA THR A 363 24.13 -18.16 2.83
C THR A 363 23.07 -19.16 2.38
N VAL A 364 22.22 -18.74 1.45
CA VAL A 364 21.11 -19.59 1.02
C VAL A 364 21.14 -19.91 -0.48
N THR A 365 20.50 -21.02 -0.85
CA THR A 365 20.39 -21.41 -2.25
C THR A 365 19.02 -21.10 -2.84
N ALA A 366 18.11 -20.62 -1.99
CA ALA A 366 16.76 -20.24 -2.43
C ALA A 366 16.09 -21.38 -3.20
N CYS A 367 16.11 -22.56 -2.58
CA CYS A 367 15.42 -23.77 -3.07
C CYS A 367 15.93 -24.24 -4.43
N LEU A 368 17.23 -24.04 -4.66
CA LEU A 368 17.91 -24.59 -5.83
C LEU A 368 17.53 -26.05 -6.06
N GLY A 369 17.19 -26.38 -7.31
CA GLY A 369 16.87 -27.75 -7.66
C GLY A 369 15.44 -28.18 -7.36
N GLU A 370 14.65 -27.24 -6.83
CA GLU A 370 13.28 -27.54 -6.41
C GLU A 370 12.26 -26.69 -7.19
N PRO A 371 10.99 -27.11 -7.20
CA PRO A 371 9.95 -26.34 -7.90
C PRO A 371 9.74 -24.92 -7.37
N ASN A 372 10.17 -24.66 -6.14
N ASN A 372 10.17 -24.67 -6.14
CA ASN A 372 10.04 -23.32 -5.56
CA ASN A 372 10.04 -23.33 -5.57
C ASN A 372 11.32 -22.51 -5.67
C ASN A 372 11.35 -22.54 -5.63
N HIS A 373 12.24 -22.97 -6.51
CA HIS A 373 13.50 -22.25 -6.78
C HIS A 373 13.19 -20.82 -7.24
N ILE A 374 13.78 -19.83 -6.59
CA ILE A 374 13.53 -18.44 -6.96
C ILE A 374 14.80 -17.73 -7.43
N THR A 375 14.79 -17.21 -8.64
CA THR A 375 15.88 -16.38 -9.12
C THR A 375 15.46 -14.92 -9.28
N ARG A 376 14.15 -14.68 -9.21
CA ARG A 376 13.56 -13.35 -9.30
C ARG A 376 12.67 -13.08 -8.10
N LEU A 377 13.18 -12.32 -7.15
CA LEU A 377 12.45 -12.03 -5.93
C LEU A 377 11.28 -11.10 -6.16
N GLU A 378 10.20 -11.31 -5.41
CA GLU A 378 9.16 -10.28 -5.29
C GLU A 378 9.25 -9.79 -3.85
N HIS A 379 8.31 -10.19 -3.00
CA HIS A 379 8.38 -9.85 -1.57
C HIS A 379 9.35 -10.78 -0.85
N ALA A 380 10.01 -10.26 0.18
CA ALA A 380 10.77 -11.12 1.08
C ALA A 380 10.31 -10.83 2.50
N GLN A 381 10.22 -11.87 3.33
CA GLN A 381 9.85 -11.68 4.73
C GLN A 381 10.91 -12.25 5.64
N ALA A 382 11.18 -11.54 6.71
CA ALA A 382 11.91 -12.12 7.83
C ALA A 382 10.91 -12.32 8.95
N ARG A 383 10.47 -13.56 9.15
CA ARG A 383 9.48 -13.86 10.17
C ARG A 383 10.23 -14.15 11.46
N LEU A 384 10.12 -13.23 12.41
CA LEU A 384 10.95 -13.27 13.61
C LEU A 384 10.16 -13.57 14.87
N THR A 385 10.75 -14.39 15.72
CA THR A 385 10.22 -14.60 17.06
C THR A 385 11.32 -14.24 18.04
N LEU A 386 11.04 -13.27 18.90
CA LEU A 386 12.06 -12.82 19.85
C LEU A 386 11.42 -12.26 21.11
N SER A 387 12.18 -12.33 22.19
CA SER A 387 11.81 -11.68 23.43
C SER A 387 12.73 -10.48 23.64
N TYR A 388 12.21 -9.44 24.25
CA TYR A 388 13.04 -8.28 24.57
C TYR A 388 12.36 -7.50 25.67
N ASN A 389 13.13 -6.79 26.50
CA ASN A 389 12.50 -6.11 27.62
C ASN A 389 11.84 -4.77 27.22
N ARG A 390 12.35 -4.10 26.20
CA ARG A 390 11.71 -2.86 25.72
C ARG A 390 11.71 -2.78 24.19
N ARG A 391 10.59 -3.14 23.60
CA ARG A 391 10.52 -3.41 22.16
C ARG A 391 10.96 -2.22 21.30
N GLY A 392 10.54 -1.01 21.68
CA GLY A 392 10.81 0.16 20.88
C GLY A 392 12.27 0.59 20.80
N ASP A 393 13.12 -0.01 21.62
CA ASP A 393 14.55 0.29 21.54
C ASP A 393 15.23 -0.49 20.42
N LEU A 394 14.54 -1.49 19.87
CA LEU A 394 15.10 -2.29 18.79
C LEU A 394 15.04 -1.62 17.42
N ALA A 395 16.14 -1.77 16.67
CA ALA A 395 16.14 -1.52 15.24
C ALA A 395 16.61 -2.78 14.52
N ILE A 396 15.94 -3.12 13.43
CA ILE A 396 16.20 -4.36 12.73
C ILE A 396 16.41 -4.07 11.24
N HIS A 397 17.52 -4.58 10.70
CA HIS A 397 17.82 -4.45 9.28
C HIS A 397 18.09 -5.82 8.66
N LEU A 398 17.76 -5.93 7.38
CA LEU A 398 17.98 -7.12 6.59
C LEU A 398 18.71 -6.77 5.30
N VAL A 399 19.85 -7.41 5.05
CA VAL A 399 20.64 -7.12 3.86
C VAL A 399 20.57 -8.29 2.88
N SER A 400 20.22 -8.01 1.64
CA SER A 400 20.12 -9.04 0.62
C SER A 400 21.50 -9.38 0.05
N PRO A 401 21.62 -10.53 -0.66
CA PRO A 401 22.87 -10.87 -1.33
C PRO A 401 23.36 -9.81 -2.32
N MET A 402 22.45 -9.02 -2.86
N MET A 402 22.46 -9.02 -2.87
CA MET A 402 22.82 -7.97 -3.80
CA MET A 402 22.86 -7.97 -3.80
C MET A 402 23.19 -6.67 -3.09
C MET A 402 23.15 -6.66 -3.09
N GLY A 403 23.26 -6.72 -1.77
CA GLY A 403 23.69 -5.58 -0.98
C GLY A 403 22.62 -4.57 -0.58
N THR A 404 21.36 -4.91 -0.78
CA THR A 404 20.28 -3.97 -0.47
C THR A 404 19.89 -4.06 1.00
N ARG A 405 20.07 -2.97 1.73
CA ARG A 405 19.79 -2.94 3.15
C ARG A 405 18.36 -2.46 3.39
N SER A 406 17.50 -3.36 3.84
CA SER A 406 16.12 -2.99 4.18
C SER A 406 15.99 -2.76 5.69
N THR A 407 15.41 -1.62 6.06
CA THR A 407 15.04 -1.42 7.46
C THR A 407 13.73 -2.14 7.70
N LEU A 408 13.80 -3.23 8.47
CA LEU A 408 12.59 -3.94 8.85
C LEU A 408 11.86 -3.27 10.01
N LEU A 409 12.62 -2.66 10.91
CA LEU A 409 12.07 -2.01 12.08
C LEU A 409 12.98 -0.86 12.52
N ALA A 410 12.40 0.33 12.67
CA ALA A 410 13.16 1.44 13.24
C ALA A 410 12.79 1.60 14.70
N ALA A 411 13.66 2.24 15.48
CA ALA A 411 13.37 2.55 16.86
C ALA A 411 12.01 3.25 17.00
N ARG A 412 11.21 2.79 17.97
CA ARG A 412 9.92 3.43 18.26
C ARG A 412 9.93 3.88 19.71
N PRO A 413 10.20 5.17 19.93
CA PRO A 413 10.40 5.69 21.31
C PRO A 413 9.23 5.42 22.26
N HIS A 414 8.01 5.38 21.74
CA HIS A 414 6.85 5.16 22.61
C HIS A 414 6.55 3.70 22.88
N ASP A 415 7.23 2.78 22.20
CA ASP A 415 6.94 1.36 22.34
C ASP A 415 7.71 0.77 23.53
N TYR A 416 7.09 0.76 24.70
CA TYR A 416 7.74 0.23 25.90
C TYR A 416 7.45 -1.26 26.15
N SER A 417 6.71 -1.88 25.23
CA SER A 417 6.23 -3.25 25.44
C SER A 417 7.32 -4.26 25.75
N ALA A 418 7.03 -5.18 26.65
CA ALA A 418 7.94 -6.27 26.95
C ALA A 418 7.49 -7.55 26.24
N ASP A 419 6.55 -7.43 25.30
CA ASP A 419 5.96 -8.60 24.65
C ASP A 419 6.74 -9.13 23.45
N GLY A 420 7.71 -8.36 22.95
CA GLY A 420 8.53 -8.83 21.84
C GLY A 420 7.74 -9.07 20.57
N PHE A 421 8.23 -9.96 19.71
CA PHE A 421 7.56 -10.31 18.47
C PHE A 421 7.29 -11.81 18.39
N ASN A 422 6.07 -12.14 18.00
CA ASN A 422 5.66 -13.53 17.93
C ASN A 422 5.45 -13.94 16.48
N ASP A 423 6.50 -14.50 15.87
CA ASP A 423 6.50 -14.87 14.45
C ASP A 423 5.96 -13.72 13.60
N TRP A 424 6.51 -12.53 13.77
CA TRP A 424 6.03 -11.37 13.03
C TRP A 424 6.72 -11.27 11.66
N ALA A 425 5.94 -11.21 10.60
CA ALA A 425 6.49 -11.31 9.24
C ALA A 425 6.88 -9.96 8.64
N PHE A 426 7.98 -9.38 9.13
CA PHE A 426 8.52 -8.12 8.61
C PHE A 426 8.75 -8.26 7.11
N MET A 427 8.20 -7.35 6.32
CA MET A 427 8.29 -7.54 4.87
C MET A 427 9.06 -6.41 4.17
N THR A 428 9.80 -6.77 3.13
CA THR A 428 10.43 -5.74 2.33
C THR A 428 10.15 -5.93 0.84
N THR A 429 9.92 -4.81 0.17
CA THR A 429 9.74 -4.78 -1.27
C THR A 429 11.02 -4.27 -1.94
N HIS A 430 12.03 -3.94 -1.16
CA HIS A 430 13.17 -3.22 -1.71
C HIS A 430 14.12 -4.09 -2.54
N SER A 431 13.92 -5.41 -2.51
CA SER A 431 14.80 -6.32 -3.23
C SER A 431 14.08 -6.97 -4.41
N TRP A 432 12.93 -6.39 -4.76
CA TRP A 432 12.13 -6.82 -5.88
C TRP A 432 13.00 -7.00 -7.16
N ASP A 433 12.82 -8.15 -7.82
CA ASP A 433 13.56 -8.58 -9.02
C ASP A 433 15.03 -8.98 -8.79
N GLU A 434 15.53 -8.91 -7.54
CA GLU A 434 16.88 -9.39 -7.24
C GLU A 434 16.95 -10.91 -7.21
N ASP A 435 18.12 -11.46 -7.52
CA ASP A 435 18.40 -12.87 -7.28
C ASP A 435 18.68 -13.03 -5.80
N PRO A 436 17.89 -13.86 -5.08
CA PRO A 436 18.03 -14.01 -3.63
C PRO A 436 19.03 -15.09 -3.18
N SER A 437 19.71 -15.75 -4.13
CA SER A 437 20.75 -16.71 -3.77
C SER A 437 21.93 -15.98 -3.14
N GLY A 438 22.53 -16.54 -2.09
CA GLY A 438 23.70 -15.91 -1.50
C GLY A 438 23.53 -15.56 -0.04
N GLU A 439 24.39 -14.67 0.46
CA GLU A 439 24.41 -14.33 1.87
C GLU A 439 23.36 -13.27 2.23
N TRP A 440 22.43 -13.66 3.10
CA TRP A 440 21.55 -12.69 3.75
C TRP A 440 22.09 -12.36 5.13
N VAL A 441 21.91 -11.11 5.56
CA VAL A 441 22.36 -10.69 6.88
C VAL A 441 21.21 -10.03 7.65
N LEU A 442 20.91 -10.56 8.83
CA LEU A 442 19.95 -9.92 9.73
C LEU A 442 20.74 -9.22 10.84
N GLU A 443 20.40 -7.96 11.08
CA GLU A 443 21.00 -7.16 12.13
C GLU A 443 19.93 -6.71 13.11
N ILE A 444 20.12 -7.02 14.39
CA ILE A 444 19.25 -6.54 15.45
C ILE A 444 20.06 -5.73 16.43
N GLU A 445 19.69 -4.48 16.68
CA GLU A 445 20.47 -3.70 17.62
C GLU A 445 19.65 -2.90 18.62
N ASN A 446 20.23 -2.76 19.80
CA ASN A 446 19.72 -1.89 20.84
C ASN A 446 20.16 -0.45 20.56
N THR A 447 19.21 0.39 20.16
CA THR A 447 19.52 1.79 19.81
C THR A 447 19.61 2.69 21.05
N SER A 448 19.29 2.14 22.21
CA SER A 448 19.34 2.93 23.43
C SER A 448 20.58 2.62 24.23
N GLU A 449 20.82 3.44 25.25
CA GLU A 449 21.97 3.28 26.13
C GLU A 449 21.67 2.32 27.28
N ALA A 450 20.41 1.87 27.37
CA ALA A 450 19.96 0.99 28.46
C ALA A 450 20.52 -0.41 28.31
N ASN A 451 20.73 -1.07 29.45
CA ASN A 451 21.16 -2.46 29.42
C ASN A 451 19.95 -3.35 29.18
N ASN A 452 19.58 -3.50 27.91
CA ASN A 452 18.42 -4.28 27.54
C ASN A 452 18.83 -5.73 27.30
N TYR A 453 17.85 -6.62 27.29
CA TYR A 453 18.14 -8.05 27.16
C TYR A 453 17.02 -8.79 26.44
N GLY A 454 17.41 -9.85 25.73
CA GLY A 454 16.43 -10.67 25.04
C GLY A 454 17.08 -11.72 24.18
N THR A 455 16.23 -12.54 23.54
CA THR A 455 16.68 -13.69 22.77
C THR A 455 15.89 -13.82 21.48
N LEU A 456 16.59 -14.00 20.36
CA LEU A 456 15.97 -14.35 19.09
C LEU A 456 15.83 -15.88 19.03
N THR A 457 14.60 -16.39 18.93
CA THR A 457 14.41 -17.82 18.97
C THR A 457 14.03 -18.42 17.62
N LYS A 458 13.55 -17.59 16.70
CA LYS A 458 13.24 -18.08 15.37
C LYS A 458 13.39 -17.00 14.32
N PHE A 459 13.99 -17.38 13.21
CA PHE A 459 14.14 -16.50 12.06
C PHE A 459 13.88 -17.33 10.81
N THR A 460 12.69 -17.16 10.23
CA THR A 460 12.38 -17.78 8.97
C THR A 460 12.48 -16.75 7.86
N LEU A 461 13.36 -17.01 6.91
CA LEU A 461 13.41 -16.18 5.71
C LEU A 461 12.41 -16.75 4.71
N VAL A 462 11.40 -15.97 4.36
CA VAL A 462 10.43 -16.44 3.39
C VAL A 462 10.56 -15.62 2.12
N LEU A 463 10.90 -16.31 1.04
CA LEU A 463 11.10 -15.65 -0.24
C LEU A 463 9.93 -15.98 -1.17
N TYR A 464 9.40 -14.96 -1.82
CA TYR A 464 8.38 -15.14 -2.85
C TYR A 464 8.95 -14.70 -4.19
N GLY A 465 8.52 -15.34 -5.28
CA GLY A 465 8.92 -14.87 -6.59
C GLY A 465 8.85 -15.94 -7.67
N THR A 466 9.69 -15.78 -8.70
CA THR A 466 9.64 -16.66 -9.85
C THR A 466 11.06 -17.03 -10.28
N ALA A 467 11.20 -17.79 -11.35
CA ALA A 467 12.53 -18.14 -11.86
C ALA A 467 12.67 -17.84 -13.35
N SER A 468 11.96 -16.81 -13.83
N SER A 468 11.98 -16.82 -13.84
CA SER A 468 11.90 -16.50 -15.26
CA SER A 468 12.21 -16.40 -15.23
C SER A 468 11.55 -15.05 -15.55
C SER A 468 11.62 -15.05 -15.53
N GLY A 469 11.98 -14.53 -16.70
CA GLY A 469 11.47 -13.27 -17.22
C GLY A 469 12.12 -11.97 -16.80
N SER A 470 13.39 -12.02 -16.41
CA SER A 470 14.07 -10.80 -15.94
C SER A 470 14.31 -9.75 -17.03
N LEU A 471 14.26 -8.49 -16.62
CA LEU A 471 14.69 -7.37 -17.46
C LEU A 471 16.16 -7.06 -17.20
N VAL A 472 16.81 -6.43 -18.17
CA VAL A 472 18.12 -5.87 -17.94
C VAL A 472 18.01 -4.80 -16.84
N PRO A 473 18.89 -4.87 -15.82
CA PRO A 473 18.83 -3.93 -14.70
C PRO A 473 18.85 -2.46 -15.15
N ARG A 474 18.20 -1.60 -14.37
CA ARG A 474 18.06 -0.18 -14.70
C ARG A 474 19.39 0.57 -14.58
CA CA B . -27.29 1.31 6.18
CA CA C . -17.34 16.84 -11.00
CA CA D . 1.13 2.86 11.86
NA NA E . 1.30 -4.28 1.51
NA NA F . -5.90 -17.64 -8.75
NA NA G . 23.80 -14.38 -5.11
NA NA H . 28.99 -10.65 1.54
CL CL I . 1.73 -17.98 1.44
N13 1N J . -14.24 -1.14 20.98
C28 1N J . -14.54 -0.27 21.95
N12 1N J . -14.01 -0.45 23.17
N11 1N J . -15.36 0.78 21.71
C18 1N J . -15.97 1.07 20.40
C10 1N J . -17.28 0.28 20.24
C9 1N J . -17.89 0.63 18.87
O2 1N J . -16.96 -1.14 20.32
C11 1N J . -17.91 -1.89 20.96
C17 1N J . -19.24 -1.49 21.01
C16 1N J . -20.18 -2.27 21.67
C14 1N J . -19.82 -3.46 22.27
C13 1N J . -18.49 -3.87 22.23
C12 1N J . -17.54 -3.09 21.58
N4 1N J . -20.72 -4.22 22.91
C15 1N J . -21.97 -4.52 22.50
N6 1N J . -22.75 -5.30 23.29
N5 1N J . -22.46 -4.10 21.34
C19 1N J . -16.28 2.57 20.31
C20 1N J . -16.86 2.88 18.93
N7 1N J . -17.10 4.31 18.77
C21 1N J . -17.16 4.91 17.58
C27 1N J . -16.42 4.41 16.51
C26 1N J . -16.48 5.02 15.27
C24 1N J . -17.30 6.15 15.07
C23 1N J . -18.04 6.65 16.14
C22 1N J . -17.97 6.03 17.38
N8 1N J . -17.33 6.74 13.87
C25 1N J . -16.31 7.44 13.37
N10 1N J . -16.40 7.99 12.15
N9 1N J . -15.18 7.60 14.08
C8 1N J . -18.16 2.12 18.75
O1 1N J . -18.65 2.40 17.43
C5 1N J . -19.92 2.87 17.35
C4 1N J . -20.26 3.72 16.31
C3 1N J . -21.55 4.22 16.19
C6 1N J . -20.89 2.50 18.29
C7 1N J . -22.19 3.00 18.17
C2 1N J . -22.52 3.85 17.12
N3 1N J . -23.77 4.32 17.04
C1 1N J . -24.60 4.24 15.98
N2 1N J . -25.82 4.77 16.08
N1 1N J . -24.22 3.61 14.87
N13 1N K . -13.07 7.23 16.32
C28 1N K . -11.87 7.56 15.84
N12 1N K . -11.38 8.79 16.05
N11 1N K . -11.14 6.68 15.14
C18 1N K . -11.56 5.30 14.83
C10 1N K . -11.28 5.04 13.37
C9 1N K . -11.65 3.58 13.04
O2 1N K . -12.10 5.99 12.64
C11 1N K . -11.86 6.18 11.31
C17 1N K . -10.63 5.88 10.73
C16 1N K . -10.42 6.10 9.37
C14 1N K . -11.45 6.63 8.58
C13 1N K . -12.67 6.92 9.16
C12 1N K . -12.88 6.72 10.52
N4 1N K . -11.28 6.83 7.27
C15 1N K . -10.35 7.61 6.69
N6 1N K . -10.33 7.72 5.34
N5 1N K . -9.46 8.29 7.43
C19 1N K . -10.75 4.35 15.68
C20 1N K . -11.13 2.90 15.39
N7 1N K . -10.37 2.01 16.30
C21 1N K . -10.32 2.29 17.62
C27 1N K . -9.18 2.83 18.20
C26 1N K . -9.15 3.12 19.56
C24 1N K . -10.27 2.87 20.34
C23 1N K . -11.42 2.34 19.77
C22 1N K . -11.44 2.05 18.41
N8 1N K . -10.25 3.15 21.64
C25 1N K . -9.69 2.39 22.59
N10 1N K . -9.73 2.77 23.87
N9 1N K . -9.10 1.23 22.26
C8 1N K . -10.86 2.57 13.92
O1 1N K . -11.33 1.24 13.64
C5 1N K . -10.47 0.21 13.41
C4 1N K . -10.85 -1.04 13.89
C3 1N K . -10.06 -2.17 13.70
C6 1N K . -9.25 0.31 12.72
C7 1N K . -8.46 -0.83 12.53
C2 1N K . -8.86 -2.07 13.02
N3 1N K . -8.15 -3.18 12.88
C1 1N K . -7.21 -3.61 13.76
N2 1N K . -6.56 -4.77 13.56
N1 1N K . -6.91 -2.86 14.83
#